data_9AU3
#
_entry.id   9AU3
#
_cell.length_a   75.142
_cell.length_b   103.052
_cell.length_c   104.133
_cell.angle_alpha   90.00
_cell.angle_beta   90.00
_cell.angle_gamma   90.00
#
_symmetry.space_group_name_H-M   'C 2 2 21'
#
loop_
_entity.id
_entity.type
_entity.pdbx_description
1 polymer "6'-epimerase, C-6' aminotransferase"
2 non-polymer "4'-DEOXY-4'-AMINOPYRIDOXAL-5'-PHOSPHATE"
3 non-polymer GENETICIN
4 non-polymer 'CHLORIDE ION'
5 water water
#
_entity_poly.entity_id   1
_entity_poly.type   'polypeptide(L)'
_entity_poly.pdbx_seq_one_letter_code
;MIIANADGCTPYEVARGVTIVRGEGAYVYDAEGRGLIDLSNSFGSVMLGHQDPVVTEAVLKTVRSGVPAAASLDLQNHLA
EQIAGDLPGDQRVAFFKTGTAATRAAASAARQVTGKRLIASCGYHGYDLMWEFTPPGQPNSEDVLHCYHLPELIDQVLDK
HAHELAAVIIAPDYIHVSPEYIADLFERCERVGVVTIADEVKHGYRLRQGASVTEASVVADMYTYAKGISNGWPLSCVAG
DERFLKPLAEFVSTLTFEAPSFAAASATLDRLAELDVQAQLAIDGARFVSEAAKMISTRDLPIEMAGTGAAFQFVCAEEV
EEVLLPHALAEGLILEPSDQQYPSACFRGEVVDDALERLDRALTTMAAARPDLVGREVTQLDRVNAAFCQMDGLPGRPDG
WSLDQCVEYVTAQL
;
_entity_poly.pdbx_strand_id   A
#
# COMPACT_ATOMS: atom_id res chain seq x y z
N MET A 1 20.07 4.10 19.45
CA MET A 1 20.97 4.61 18.43
C MET A 1 20.66 6.08 18.23
N ILE A 2 21.37 6.76 17.34
CA ILE A 2 21.13 8.21 17.22
C ILE A 2 20.06 8.54 16.19
N ILE A 3 19.68 7.61 15.32
CA ILE A 3 18.58 7.86 14.39
C ILE A 3 17.27 7.67 15.13
N ALA A 4 16.53 8.75 15.27
CA ALA A 4 15.32 8.74 16.09
C ALA A 4 14.19 7.98 15.43
N ASN A 5 14.13 8.00 14.09
CA ASN A 5 12.97 7.44 13.38
C ASN A 5 13.29 6.19 12.56
N ALA A 6 13.82 5.16 13.20
CA ALA A 6 14.08 3.89 12.53
C ALA A 6 12.97 2.85 12.75
N ASP A 7 11.78 3.29 13.18
CA ASP A 7 10.65 2.42 13.50
C ASP A 7 9.56 2.57 12.44
N GLY A 8 8.32 2.27 12.82
CA GLY A 8 7.17 2.52 11.95
C GLY A 8 7.23 1.74 10.65
N CYS A 9 6.81 2.40 9.58
CA CYS A 9 6.78 1.83 8.24
CA CYS A 9 6.78 1.83 8.24
C CYS A 9 8.19 1.63 7.70
N THR A 10 9.04 0.92 8.44
CA THR A 10 10.34 0.63 7.87
CA THR A 10 10.35 0.61 7.90
C THR A 10 10.37 -0.82 7.39
N PRO A 11 10.76 -1.07 6.15
CA PRO A 11 10.71 -2.43 5.61
C PRO A 11 11.92 -3.26 6.01
N TYR A 12 11.82 -4.56 5.73
CA TYR A 12 12.88 -5.54 5.93
C TYR A 12 13.15 -5.87 7.39
N GLU A 13 12.16 -5.69 8.28
CA GLU A 13 12.36 -5.97 9.69
C GLU A 13 12.71 -7.44 9.94
N VAL A 14 12.22 -8.36 9.10
CA VAL A 14 12.54 -9.77 9.31
C VAL A 14 14.03 -10.03 9.12
N ALA A 15 14.73 -9.14 8.42
CA ALA A 15 16.12 -9.33 8.05
C ALA A 15 17.08 -8.52 8.90
N ARG A 16 16.61 -7.96 10.02
CA ARG A 16 17.46 -7.13 10.85
C ARG A 16 18.64 -7.89 11.45
N GLY A 17 18.61 -9.21 11.41
CA GLY A 17 19.71 -10.05 11.85
C GLY A 17 20.70 -10.44 10.77
N VAL A 18 20.50 -9.96 9.54
CA VAL A 18 21.42 -10.14 8.42
C VAL A 18 21.66 -8.77 7.79
N THR A 19 22.58 -8.74 6.81
CA THR A 19 23.02 -7.49 6.17
C THR A 19 22.76 -7.58 4.67
N ILE A 20 21.85 -6.74 4.16
CA ILE A 20 21.48 -6.72 2.75
C ILE A 20 22.30 -5.65 2.05
N VAL A 21 22.93 -6.03 0.93
CA VAL A 21 23.92 -5.13 0.31
C VAL A 21 23.64 -4.83 -1.17
N ARG A 22 22.79 -5.63 -1.81
CA ARG A 22 22.57 -5.47 -3.24
C ARG A 22 21.13 -5.87 -3.55
N GLY A 23 20.57 -5.26 -4.58
CA GLY A 23 19.27 -5.70 -5.11
C GLY A 23 19.33 -5.74 -6.62
N GLU A 24 18.75 -6.81 -7.20
CA GLU A 24 18.71 -6.97 -8.65
C GLU A 24 17.48 -7.78 -9.03
N GLY A 25 16.54 -7.16 -9.72
CA GLY A 25 15.36 -7.90 -10.18
C GLY A 25 14.48 -8.31 -9.00
N ALA A 26 14.13 -9.59 -8.95
CA ALA A 26 13.32 -10.15 -7.88
C ALA A 26 14.12 -10.47 -6.63
N TYR A 27 15.44 -10.26 -6.65
CA TYR A 27 16.33 -10.77 -5.61
C TYR A 27 17.05 -9.63 -4.91
N VAL A 28 17.34 -9.84 -3.63
CA VAL A 28 18.33 -9.05 -2.92
C VAL A 28 19.41 -10.01 -2.43
N TYR A 29 20.59 -9.47 -2.12
CA TYR A 29 21.74 -10.30 -1.79
C TYR A 29 22.33 -9.85 -0.47
N ASP A 30 22.67 -10.80 0.39
CA ASP A 30 23.26 -10.46 1.66
C ASP A 30 24.78 -10.34 1.54
N ALA A 31 25.43 -9.97 2.65
CA ALA A 31 26.86 -9.75 2.67
C ALA A 31 27.65 -11.02 2.41
N GLU A 32 27.05 -12.19 2.56
CA GLU A 32 27.71 -13.44 2.23
C GLU A 32 27.40 -13.91 0.82
N GLY A 33 26.74 -13.08 0.02
CA GLY A 33 26.46 -13.41 -1.36
C GLY A 33 25.21 -14.24 -1.59
N ARG A 34 24.46 -14.57 -0.55
CA ARG A 34 23.26 -15.37 -0.71
C ARG A 34 22.15 -14.54 -1.34
N GLY A 35 21.47 -15.11 -2.33
CA GLY A 35 20.32 -14.45 -2.94
C GLY A 35 19.02 -14.79 -2.22
N LEU A 36 18.20 -13.78 -2.02
CA LEU A 36 16.90 -13.94 -1.38
C LEU A 36 15.82 -13.37 -2.31
N ILE A 37 14.74 -14.13 -2.47
CA ILE A 37 13.59 -13.60 -3.19
C ILE A 37 12.92 -12.56 -2.31
N ASP A 38 12.72 -11.37 -2.85
CA ASP A 38 12.24 -10.23 -2.09
C ASP A 38 10.74 -10.06 -2.33
N LEU A 39 9.93 -10.30 -1.31
CA LEU A 39 8.51 -9.99 -1.37
C LEU A 39 8.15 -8.76 -0.55
N SER A 40 9.15 -8.03 -0.04
CA SER A 40 8.88 -6.70 0.51
C SER A 40 8.99 -5.64 -0.56
N ASN A 41 10.09 -5.62 -1.31
CA ASN A 41 10.29 -4.67 -2.42
C ASN A 41 10.13 -3.23 -1.91
N SER A 42 10.82 -2.95 -0.81
CA SER A 42 10.68 -1.65 -0.14
C SER A 42 9.22 -1.31 0.15
N PHE A 43 8.53 -2.25 0.81
CA PHE A 43 7.11 -2.09 1.15
C PHE A 43 6.27 -1.80 -0.09
N GLY A 44 6.62 -2.43 -1.21
CA GLY A 44 5.83 -2.26 -2.42
C GLY A 44 6.18 -1.06 -3.27
N SER A 45 7.21 -0.30 -2.91
CA SER A 45 7.63 0.83 -3.75
CA SER A 45 7.61 0.83 -3.75
C SER A 45 8.33 0.36 -5.02
N VAL A 46 8.90 -0.82 -5.01
CA VAL A 46 9.61 -1.36 -6.16
C VAL A 46 8.61 -2.27 -6.89
N MET A 47 7.91 -1.69 -7.87
CA MET A 47 6.94 -2.43 -8.68
C MET A 47 7.55 -3.13 -9.88
N LEU A 48 8.73 -2.70 -10.34
CA LEU A 48 9.35 -3.29 -11.52
C LEU A 48 10.43 -4.29 -11.18
N GLY A 49 11.05 -4.15 -10.01
CA GLY A 49 12.24 -4.92 -9.69
C GLY A 49 13.40 -3.99 -9.38
N HIS A 50 14.33 -4.45 -8.56
CA HIS A 50 15.49 -3.64 -8.22
C HIS A 50 16.38 -3.44 -9.44
N GLN A 51 16.95 -2.23 -9.56
CA GLN A 51 17.78 -1.85 -10.70
C GLN A 51 17.11 -2.19 -12.04
N ASP A 52 15.86 -1.82 -12.21
CA ASP A 52 15.23 -2.01 -13.51
C ASP A 52 16.10 -1.31 -14.57
N PRO A 53 16.48 -1.99 -15.64
CA PRO A 53 17.47 -1.39 -16.56
C PRO A 53 16.98 -0.10 -17.22
N VAL A 54 15.69 -0.01 -17.52
CA VAL A 54 15.19 1.19 -18.18
C VAL A 54 15.07 2.36 -17.21
N VAL A 55 14.54 2.10 -16.01
CA VAL A 55 14.50 3.15 -15.00
C VAL A 55 15.90 3.61 -14.66
N THR A 56 16.84 2.67 -14.49
CA THR A 56 18.20 3.03 -14.12
C THR A 56 18.88 3.87 -15.19
N GLU A 57 18.73 3.50 -16.46
CA GLU A 57 19.32 4.31 -17.52
C GLU A 57 18.75 5.72 -17.55
N ALA A 58 17.43 5.86 -17.34
CA ALA A 58 16.84 7.19 -17.34
C ALA A 58 17.37 8.03 -16.19
N VAL A 59 17.49 7.43 -15.00
CA VAL A 59 18.01 8.16 -13.86
C VAL A 59 19.46 8.54 -14.09
N LEU A 60 20.27 7.60 -14.57
CA LEU A 60 21.69 7.87 -14.77
C LEU A 60 21.92 9.00 -15.76
N LYS A 61 21.18 9.00 -16.87
CA LYS A 61 21.33 10.08 -17.85
C LYS A 61 20.95 11.41 -17.22
N THR A 62 19.92 11.41 -16.38
CA THR A 62 19.50 12.65 -15.73
C THR A 62 20.53 13.14 -14.73
N VAL A 63 21.07 12.23 -13.92
CA VAL A 63 22.14 12.61 -12.97
C VAL A 63 23.35 13.15 -13.72
N ARG A 64 23.75 12.48 -14.80
CA ARG A 64 24.96 12.87 -15.53
C ARG A 64 24.77 14.18 -16.29
N SER A 65 23.54 14.58 -16.58
CA SER A 65 23.31 15.89 -17.18
C SER A 65 23.45 17.02 -16.18
N GLY A 66 23.29 16.74 -14.88
CA GLY A 66 23.33 17.75 -13.85
C GLY A 66 22.21 18.76 -13.91
N VAL A 67 21.16 18.49 -14.66
CA VAL A 67 20.10 19.50 -14.82
C VAL A 67 19.48 19.81 -13.46
N PRO A 68 19.36 21.07 -13.07
CA PRO A 68 18.89 21.40 -11.73
C PRO A 68 17.38 21.28 -11.62
N ALA A 69 16.91 21.45 -10.38
CA ALA A 69 15.50 21.23 -10.09
C ALA A 69 14.64 22.28 -10.80
N ALA A 70 13.48 21.84 -11.28
CA ALA A 70 12.45 22.69 -11.88
C ALA A 70 12.78 23.19 -13.28
N ALA A 71 13.82 22.64 -13.92
CA ALA A 71 14.19 23.05 -15.27
C ALA A 71 13.60 22.17 -16.36
N SER A 72 13.19 20.94 -16.03
CA SER A 72 12.75 19.98 -17.04
C SER A 72 11.23 20.02 -17.18
N LEU A 73 10.75 21.16 -17.69
CA LEU A 73 9.31 21.42 -17.75
C LEU A 73 8.59 20.39 -18.60
N ASP A 74 9.18 20.01 -19.74
CA ASP A 74 8.54 19.02 -20.60
C ASP A 74 8.36 17.70 -19.87
N LEU A 75 9.39 17.25 -19.16
CA LEU A 75 9.32 15.97 -18.46
C LEU A 75 8.30 16.01 -17.33
N GLN A 76 8.28 17.09 -16.56
CA GLN A 76 7.34 17.23 -15.45
C GLN A 76 5.91 17.23 -15.97
N ASN A 77 5.63 18.02 -17.00
CA ASN A 77 4.29 18.05 -17.56
CA ASN A 77 4.30 18.06 -17.59
C ASN A 77 3.93 16.72 -18.19
N HIS A 78 4.89 16.04 -18.81
CA HIS A 78 4.61 14.75 -19.41
C HIS A 78 4.15 13.75 -18.36
N LEU A 79 4.86 13.68 -17.23
CA LEU A 79 4.45 12.77 -16.16
C LEU A 79 3.07 13.10 -15.64
N ALA A 80 2.78 14.40 -15.49
CA ALA A 80 1.44 14.80 -15.06
C ALA A 80 0.38 14.30 -16.05
N GLU A 81 0.66 14.43 -17.36
CA GLU A 81 -0.25 13.93 -18.38
C GLU A 81 -0.43 12.42 -18.29
N GLN A 82 0.67 11.69 -18.06
CA GLN A 82 0.58 10.24 -17.94
C GLN A 82 -0.39 9.86 -16.81
N ILE A 83 -0.22 10.51 -15.66
CA ILE A 83 -1.04 10.21 -14.49
C ILE A 83 -2.49 10.62 -14.72
N ALA A 84 -2.72 11.84 -15.19
CA ALA A 84 -4.09 12.30 -15.38
C ALA A 84 -4.82 11.47 -16.42
N GLY A 85 -4.10 11.01 -17.44
CA GLY A 85 -4.72 10.27 -18.53
C GLY A 85 -5.24 8.90 -18.14
N ASP A 86 -4.79 8.37 -17.01
CA ASP A 86 -5.26 7.07 -16.54
C ASP A 86 -6.45 7.18 -15.58
N LEU A 87 -6.93 8.40 -15.32
CA LEU A 87 -8.07 8.61 -14.43
C LEU A 87 -9.24 9.16 -15.22
N PRO A 88 -10.47 8.71 -14.92
CA PRO A 88 -11.62 9.26 -15.65
C PRO A 88 -11.89 10.69 -15.20
N GLY A 89 -12.09 11.58 -16.16
CA GLY A 89 -12.34 12.97 -15.87
C GLY A 89 -11.15 13.84 -16.23
N ASP A 90 -11.22 15.09 -15.79
CA ASP A 90 -10.24 16.11 -16.12
C ASP A 90 -9.46 16.42 -14.84
N GLN A 91 -8.27 15.87 -14.71
CA GLN A 91 -7.49 16.09 -13.50
C GLN A 91 -6.31 17.03 -13.73
N ARG A 92 -5.93 17.71 -12.67
CA ARG A 92 -4.63 18.35 -12.54
C ARG A 92 -3.84 17.55 -11.51
N VAL A 93 -2.51 17.73 -11.50
CA VAL A 93 -1.63 16.91 -10.68
C VAL A 93 -0.69 17.81 -9.90
N ALA A 94 -0.63 17.61 -8.58
CA ALA A 94 0.32 18.30 -7.73
C ALA A 94 1.31 17.28 -7.17
N PHE A 95 2.61 17.56 -7.29
CA PHE A 95 3.63 16.58 -6.93
C PHE A 95 4.20 16.84 -5.54
N PHE A 96 4.50 15.75 -4.83
CA PHE A 96 5.09 15.76 -3.50
C PHE A 96 6.19 14.70 -3.47
N LYS A 97 6.83 14.54 -2.31
CA LYS A 97 7.95 13.62 -2.21
C LYS A 97 7.64 12.35 -1.43
N THR A 98 6.57 12.32 -0.64
CA THR A 98 6.15 11.13 0.11
C THR A 98 4.64 11.00 0.05
N GLY A 99 4.16 9.79 0.32
CA GLY A 99 2.72 9.58 0.41
C GLY A 99 2.06 10.40 1.50
N THR A 100 2.73 10.54 2.66
CA THR A 100 2.17 11.35 3.75
C THR A 100 1.98 12.80 3.32
N ALA A 101 2.95 13.35 2.58
CA ALA A 101 2.80 14.72 2.11
C ALA A 101 1.62 14.84 1.16
N ALA A 102 1.45 13.83 0.30
CA ALA A 102 0.34 13.89 -0.66
C ALA A 102 -1.02 13.80 0.04
N THR A 103 -1.16 12.89 1.03
CA THR A 103 -2.46 12.76 1.67
C THR A 103 -2.78 13.97 2.54
N ARG A 104 -1.78 14.52 3.25
CA ARG A 104 -2.04 15.75 3.99
C ARG A 104 -2.39 16.90 3.05
N ALA A 105 -1.73 16.97 1.88
CA ALA A 105 -2.06 18.03 0.95
C ALA A 105 -3.48 17.86 0.40
N ALA A 106 -3.89 16.64 0.08
CA ALA A 106 -5.26 16.41 -0.39
C ALA A 106 -6.27 16.86 0.67
N ALA A 107 -6.00 16.52 1.94
CA ALA A 107 -6.90 16.93 3.02
C ALA A 107 -6.91 18.44 3.14
N SER A 108 -5.74 19.08 3.05
CA SER A 108 -5.66 20.54 3.11
C SER A 108 -6.43 21.19 1.98
N ALA A 109 -6.35 20.64 0.76
CA ALA A 109 -7.12 21.17 -0.35
C ALA A 109 -8.61 21.13 -0.05
N ALA A 110 -9.10 20.00 0.46
CA ALA A 110 -10.52 19.89 0.80
C ALA A 110 -10.92 20.91 1.85
N ARG A 111 -10.08 21.11 2.87
CA ARG A 111 -10.35 22.12 3.90
C ARG A 111 -10.39 23.52 3.29
N GLN A 112 -9.45 23.83 2.39
CA GLN A 112 -9.45 25.15 1.77
C GLN A 112 -10.72 25.40 0.95
N VAL A 113 -11.15 24.42 0.16
CA VAL A 113 -12.30 24.61 -0.72
C VAL A 113 -13.58 24.69 0.08
N THR A 114 -13.76 23.79 1.04
CA THR A 114 -15.04 23.70 1.76
C THR A 114 -15.14 24.68 2.92
N GLY A 115 -14.01 25.17 3.42
CA GLY A 115 -14.01 25.95 4.64
C GLY A 115 -14.33 25.18 5.88
N LYS A 116 -14.34 23.85 5.82
CA LYS A 116 -14.61 23.00 6.97
C LYS A 116 -13.30 22.35 7.42
N ARG A 117 -13.32 21.78 8.63
CA ARG A 117 -12.10 21.26 9.22
C ARG A 117 -12.11 19.76 9.44
N LEU A 118 -13.21 19.19 9.93
CA LEU A 118 -13.25 17.79 10.30
C LEU A 118 -13.06 16.91 9.08
N ILE A 119 -12.28 15.83 9.25
CA ILE A 119 -12.05 14.84 8.20
C ILE A 119 -12.38 13.48 8.76
N ALA A 120 -13.03 12.64 7.96
CA ALA A 120 -13.26 11.24 8.33
C ALA A 120 -12.35 10.36 7.49
N SER A 121 -11.97 9.21 8.05
CA SER A 121 -10.90 8.43 7.44
C SER A 121 -11.14 6.94 7.62
N CYS A 122 -10.74 6.16 6.60
CA CYS A 122 -10.55 4.73 6.73
C CYS A 122 -9.14 4.41 6.25
N GLY A 123 -8.39 3.67 7.06
CA GLY A 123 -7.07 3.22 6.67
C GLY A 123 -5.95 4.13 7.16
N TYR A 124 -4.74 3.73 6.80
CA TYR A 124 -3.53 4.45 7.17
C TYR A 124 -3.13 5.39 6.04
N HIS A 125 -2.92 6.67 6.36
CA HIS A 125 -2.57 7.64 5.33
C HIS A 125 -1.18 8.25 5.51
N GLY A 126 -0.39 7.75 6.46
CA GLY A 126 0.96 8.23 6.63
C GLY A 126 1.27 8.57 8.06
N TYR A 127 2.46 9.13 8.28
CA TYR A 127 3.00 9.23 9.64
C TYR A 127 2.58 10.51 10.37
N ASP A 128 2.07 11.50 9.64
CA ASP A 128 1.72 12.79 10.25
C ASP A 128 0.72 12.59 11.39
N LEU A 129 0.80 13.47 12.39
CA LEU A 129 -0.12 13.35 13.53
C LEU A 129 -1.58 13.46 13.10
N MET A 130 -1.87 14.11 11.96
CA MET A 130 -3.25 14.14 11.49
C MET A 130 -3.78 12.76 11.18
N TRP A 131 -2.91 11.79 10.92
CA TRP A 131 -3.33 10.43 10.57
C TRP A 131 -3.22 9.47 11.75
N GLU A 132 -2.89 9.95 12.94
CA GLU A 132 -2.78 9.10 14.10
C GLU A 132 -4.16 8.53 14.47
N PHE A 133 -4.24 7.22 14.64
CA PHE A 133 -5.51 6.57 14.88
C PHE A 133 -5.98 6.84 16.30
N THR A 134 -7.27 7.16 16.43
CA THR A 134 -7.95 7.26 17.72
C THR A 134 -9.21 6.40 17.65
N PRO A 135 -9.81 6.07 18.79
CA PRO A 135 -10.98 5.17 18.77
C PRO A 135 -12.14 5.78 18.01
N PRO A 136 -13.06 4.96 17.51
CA PRO A 136 -14.25 5.46 16.81
C PRO A 136 -14.95 6.56 17.58
N GLY A 137 -15.31 7.63 16.86
CA GLY A 137 -16.04 8.74 17.44
C GLY A 137 -15.20 9.73 18.20
N GLN A 138 -13.89 9.53 18.30
CA GLN A 138 -13.00 10.43 19.02
C GLN A 138 -12.08 11.13 18.04
N PRO A 139 -12.30 12.42 17.77
CA PRO A 139 -11.41 13.12 16.83
C PRO A 139 -10.01 13.21 17.40
N ASN A 140 -9.01 13.03 16.54
CA ASN A 140 -7.63 13.12 16.98
C ASN A 140 -7.22 14.58 17.11
N SER A 141 -5.93 14.83 17.37
CA SER A 141 -5.46 16.18 17.68
C SER A 141 -5.57 17.12 16.49
N GLU A 142 -5.75 16.58 15.28
CA GLU A 142 -5.88 17.38 14.08
C GLU A 142 -7.28 17.28 13.48
N ASP A 143 -8.26 16.85 14.28
CA ASP A 143 -9.67 16.84 13.88
C ASP A 143 -9.96 15.81 12.79
N VAL A 144 -9.38 14.63 12.94
CA VAL A 144 -9.64 13.51 12.04
C VAL A 144 -10.31 12.40 12.83
N LEU A 145 -11.42 11.89 12.29
CA LEU A 145 -12.17 10.78 12.85
C LEU A 145 -11.88 9.52 12.05
N HIS A 146 -11.78 8.39 12.74
CA HIS A 146 -11.40 7.12 12.13
C HIS A 146 -12.55 6.13 12.18
N CYS A 147 -12.86 5.51 11.03
CA CYS A 147 -14.06 4.68 10.89
C CYS A 147 -13.75 3.22 10.63
N TYR A 148 -12.48 2.85 10.48
CA TYR A 148 -12.04 1.46 10.50
C TYR A 148 -12.70 0.63 9.41
N HIS A 149 -13.03 1.26 8.29
CA HIS A 149 -13.63 0.61 7.12
C HIS A 149 -15.02 0.05 7.37
N LEU A 150 -15.66 0.39 8.49
CA LEU A 150 -16.98 -0.19 8.76
C LEU A 150 -18.09 0.74 8.24
N PRO A 151 -19.00 0.24 7.41
CA PRO A 151 -20.10 1.12 6.95
C PRO A 151 -20.92 1.70 8.08
N GLU A 152 -21.12 0.97 9.18
CA GLU A 152 -21.89 1.53 10.29
C GLU A 152 -21.15 2.67 10.97
N LEU A 153 -19.82 2.63 11.01
CA LEU A 153 -19.09 3.74 11.61
C LEU A 153 -19.02 4.94 10.68
N ILE A 154 -18.94 4.70 9.38
CA ILE A 154 -19.10 5.79 8.42
C ILE A 154 -20.48 6.42 8.59
N ASP A 155 -21.51 5.59 8.74
CA ASP A 155 -22.87 6.11 8.91
C ASP A 155 -22.99 6.97 10.17
N GLN A 156 -22.35 6.55 11.27
CA GLN A 156 -22.39 7.36 12.49
C GLN A 156 -21.74 8.72 12.27
N VAL A 157 -20.57 8.74 11.64
CA VAL A 157 -19.89 10.01 11.45
C VAL A 157 -20.68 10.91 10.51
N LEU A 158 -21.33 10.32 9.49
CA LEU A 158 -22.17 11.09 8.60
C LEU A 158 -23.44 11.57 9.31
N ASP A 159 -24.03 10.72 10.14
CA ASP A 159 -25.20 11.13 10.91
C ASP A 159 -24.89 12.32 11.81
N LYS A 160 -23.72 12.31 12.47
CA LYS A 160 -23.36 13.36 13.40
C LYS A 160 -22.69 14.55 12.74
N HIS A 161 -21.96 14.34 11.63
CA HIS A 161 -21.08 15.39 11.12
C HIS A 161 -21.14 15.63 9.60
N ALA A 162 -22.09 15.02 8.88
CA ALA A 162 -22.07 15.14 7.41
C ALA A 162 -21.93 16.59 6.97
N HIS A 163 -22.67 17.49 7.62
CA HIS A 163 -22.64 18.92 7.31
C HIS A 163 -21.33 19.59 7.68
N GLU A 164 -20.46 18.90 8.41
CA GLU A 164 -19.27 19.48 9.00
C GLU A 164 -17.98 18.96 8.38
N LEU A 165 -18.06 17.94 7.52
CA LEU A 165 -16.88 17.23 7.07
C LEU A 165 -16.29 17.93 5.85
N ALA A 166 -14.99 18.24 5.91
CA ALA A 166 -14.29 18.72 4.73
C ALA A 166 -14.14 17.61 3.70
N ALA A 167 -13.92 16.38 4.15
CA ALA A 167 -13.69 15.27 3.23
C ALA A 167 -13.69 13.96 4.00
N VAL A 168 -13.86 12.86 3.25
CA VAL A 168 -13.57 11.51 3.72
CA VAL A 168 -13.55 11.53 3.73
C VAL A 168 -12.41 10.99 2.89
N ILE A 169 -11.41 10.39 3.54
CA ILE A 169 -10.26 9.82 2.87
C ILE A 169 -10.24 8.33 3.15
N ILE A 170 -10.27 7.52 2.09
CA ILE A 170 -10.38 6.06 2.20
C ILE A 170 -9.20 5.43 1.48
N ALA A 171 -8.43 4.62 2.22
CA ALA A 171 -7.44 3.74 1.59
C ALA A 171 -8.13 2.44 1.24
N PRO A 172 -8.29 2.11 -0.04
CA PRO A 172 -9.02 0.89 -0.39
C PRO A 172 -8.16 -0.34 -0.12
N ASP A 173 -8.82 -1.47 0.02
CA ASP A 173 -8.13 -2.75 0.16
CA ASP A 173 -8.13 -2.75 0.12
C ASP A 173 -9.10 -3.84 -0.27
N TYR A 174 -8.54 -4.93 -0.80
CA TYR A 174 -9.37 -5.96 -1.41
C TYR A 174 -8.97 -7.38 -1.04
N ILE A 175 -8.09 -7.55 -0.05
CA ILE A 175 -7.74 -8.90 0.38
C ILE A 175 -8.85 -9.53 1.20
N HIS A 176 -9.40 -8.78 2.14
CA HIS A 176 -10.37 -9.29 3.09
C HIS A 176 -11.78 -8.77 2.89
N VAL A 177 -11.97 -7.80 1.98
CA VAL A 177 -13.28 -7.28 1.61
C VAL A 177 -13.32 -7.19 0.10
N SER A 178 -14.53 -7.06 -0.44
CA SER A 178 -14.75 -7.05 -1.88
C SER A 178 -14.66 -5.62 -2.43
N PRO A 179 -14.47 -5.48 -3.75
CA PRO A 179 -14.57 -4.14 -4.36
C PRO A 179 -15.91 -3.47 -4.09
N GLU A 180 -16.99 -4.25 -4.06
CA GLU A 180 -18.31 -3.69 -3.79
C GLU A 180 -18.39 -3.12 -2.38
N TYR A 181 -17.76 -3.80 -1.41
CA TYR A 181 -17.71 -3.29 -0.05
C TYR A 181 -17.00 -1.95 -0.01
N ILE A 182 -15.86 -1.83 -0.69
CA ILE A 182 -15.12 -0.56 -0.72
C ILE A 182 -15.94 0.50 -1.41
N ALA A 183 -16.57 0.17 -2.54
CA ALA A 183 -17.37 1.14 -3.27
C ALA A 183 -18.48 1.70 -2.39
N ASP A 184 -19.09 0.85 -1.55
CA ASP A 184 -20.16 1.29 -0.67
C ASP A 184 -19.67 2.35 0.32
N LEU A 185 -18.42 2.24 0.80
CA LEU A 185 -17.90 3.26 1.70
C LEU A 185 -17.84 4.62 1.02
N PHE A 186 -17.35 4.64 -0.23
CA PHE A 186 -17.31 5.90 -0.98
C PHE A 186 -18.73 6.41 -1.26
N GLU A 187 -19.62 5.52 -1.69
CA GLU A 187 -20.94 5.95 -2.12
C GLU A 187 -21.74 6.56 -0.96
N ARG A 188 -21.62 5.99 0.24
CA ARG A 188 -22.33 6.57 1.39
C ARG A 188 -21.94 8.03 1.59
N CYS A 189 -20.67 8.36 1.35
CA CYS A 189 -20.21 9.74 1.53
C CYS A 189 -20.64 10.63 0.36
N GLU A 190 -20.54 10.11 -0.87
CA GLU A 190 -21.01 10.86 -2.04
C GLU A 190 -22.46 11.28 -1.88
N ARG A 191 -23.31 10.38 -1.39
CA ARG A 191 -24.74 10.65 -1.36
C ARG A 191 -25.10 11.82 -0.46
N VAL A 192 -24.27 12.10 0.55
CA VAL A 192 -24.51 13.22 1.43
C VAL A 192 -23.68 14.44 1.04
N GLY A 193 -22.97 14.37 -0.09
CA GLY A 193 -22.28 15.52 -0.63
C GLY A 193 -20.91 15.79 -0.07
N VAL A 194 -20.25 14.80 0.52
CA VAL A 194 -18.95 15.00 1.14
C VAL A 194 -17.85 14.70 0.13
N VAL A 195 -16.84 15.57 0.09
CA VAL A 195 -15.69 15.35 -0.78
C VAL A 195 -15.01 14.03 -0.46
N THR A 196 -14.60 13.30 -1.50
CA THR A 196 -13.93 12.01 -1.33
C THR A 196 -12.49 12.05 -1.84
N ILE A 197 -11.60 11.41 -1.08
CA ILE A 197 -10.21 11.22 -1.46
C ILE A 197 -9.94 9.73 -1.47
N ALA A 198 -9.56 9.20 -2.63
CA ALA A 198 -9.14 7.79 -2.72
C ALA A 198 -7.64 7.77 -2.49
N ASP A 199 -7.23 7.20 -1.35
CA ASP A 199 -5.80 7.12 -1.02
C ASP A 199 -5.23 5.87 -1.69
N GLU A 200 -4.69 6.07 -2.89
CA GLU A 200 -4.11 5.02 -3.72
C GLU A 200 -2.61 4.90 -3.53
N VAL A 201 -2.07 5.36 -2.39
CA VAL A 201 -0.62 5.33 -2.21
C VAL A 201 -0.10 3.90 -2.29
N LYS A 202 -0.84 2.95 -1.71
CA LYS A 202 -0.42 1.55 -1.73
C LYS A 202 -0.79 0.85 -3.04
N HIS A 203 -2.02 1.02 -3.52
CA HIS A 203 -2.53 0.18 -4.60
C HIS A 203 -2.49 0.84 -5.98
N GLY A 204 -2.26 2.15 -6.04
CA GLY A 204 -2.26 2.81 -7.34
C GLY A 204 -1.10 2.31 -8.18
N TYR A 205 -1.41 1.85 -9.40
CA TYR A 205 -0.45 1.26 -10.33
C TYR A 205 0.05 -0.11 -9.91
N ARG A 206 -0.46 -0.68 -8.83
CA ARG A 206 -0.12 -2.04 -8.43
C ARG A 206 -1.12 -3.05 -8.95
N LEU A 207 -2.42 -2.76 -8.79
CA LEU A 207 -3.47 -3.70 -9.17
C LEU A 207 -3.92 -3.51 -10.62
N ARG A 208 -3.75 -2.31 -11.16
CA ARG A 208 -4.05 -1.99 -12.56
C ARG A 208 -3.28 -0.72 -12.91
N GLN A 209 -3.32 -0.33 -14.19
CA GLN A 209 -2.60 0.85 -14.66
C GLN A 209 -3.42 2.11 -14.37
N GLY A 210 -3.42 2.49 -13.10
CA GLY A 210 -4.22 3.59 -12.61
C GLY A 210 -4.70 3.29 -11.20
N ALA A 211 -5.79 3.93 -10.81
CA ALA A 211 -6.32 3.78 -9.46
C ALA A 211 -7.06 2.46 -9.32
N SER A 212 -6.83 1.76 -8.21
CA SER A 212 -7.57 0.53 -7.97
C SER A 212 -9.07 0.79 -7.93
N VAL A 213 -9.49 1.91 -7.34
CA VAL A 213 -10.92 2.13 -7.12
C VAL A 213 -11.67 2.28 -8.45
N THR A 214 -10.98 2.66 -9.52
CA THR A 214 -11.65 2.79 -10.83
C THR A 214 -12.29 1.45 -11.24
N GLU A 215 -11.60 0.35 -10.97
CA GLU A 215 -12.13 -0.97 -11.32
C GLU A 215 -13.21 -1.43 -10.36
N ALA A 216 -13.30 -0.79 -9.20
CA ALA A 216 -14.41 -1.00 -8.26
C ALA A 216 -15.61 -0.12 -8.57
N SER A 217 -15.62 0.53 -9.74
CA SER A 217 -16.72 1.38 -10.18
C SER A 217 -16.89 2.62 -9.31
N VAL A 218 -15.77 3.13 -8.79
CA VAL A 218 -15.73 4.31 -7.93
C VAL A 218 -15.02 5.41 -8.69
N VAL A 219 -15.48 6.64 -8.49
CA VAL A 219 -14.70 7.83 -8.84
C VAL A 219 -14.58 8.67 -7.57
N ALA A 220 -13.49 9.41 -7.45
CA ALA A 220 -13.26 10.25 -6.29
C ALA A 220 -12.86 11.65 -6.75
N ASP A 221 -13.03 12.62 -5.86
CA ASP A 221 -12.64 13.99 -6.18
C ASP A 221 -11.14 14.15 -6.28
N MET A 222 -10.39 13.42 -5.46
CA MET A 222 -8.93 13.43 -5.51
C MET A 222 -8.42 12.02 -5.28
N TYR A 223 -7.25 11.74 -5.85
CA TYR A 223 -6.53 10.48 -5.71
C TYR A 223 -5.11 10.79 -5.30
N THR A 224 -4.55 9.97 -4.42
CA THR A 224 -3.14 10.13 -4.02
C THR A 224 -2.37 8.88 -4.42
N TYR A 225 -1.17 9.08 -4.97
CA TYR A 225 -0.32 7.97 -5.40
C TYR A 225 1.07 8.17 -4.80
N ALA A 226 1.80 7.06 -4.64
CA ALA A 226 3.23 7.13 -4.34
C ALA A 226 3.97 5.82 -4.70
N LYS A 227 3.64 4.72 -4.02
CA LYS A 227 4.44 3.51 -4.12
C LYS A 227 4.54 2.99 -5.55
N GLY A 228 3.43 3.00 -6.29
CA GLY A 228 3.44 2.35 -7.59
C GLY A 228 4.11 3.11 -8.70
N ILE A 229 4.36 4.41 -8.51
CA ILE A 229 4.65 5.26 -9.65
C ILE A 229 6.13 5.45 -9.95
N SER A 230 7.04 5.06 -9.04
CA SER A 230 8.40 5.54 -9.19
C SER A 230 9.49 4.53 -8.86
N ASN A 231 9.14 3.27 -8.65
CA ASN A 231 10.12 2.18 -8.48
C ASN A 231 11.17 2.46 -7.40
N GLY A 232 10.74 3.04 -6.28
CA GLY A 232 11.64 3.27 -5.17
C GLY A 232 12.24 4.65 -5.09
N TRP A 233 11.89 5.56 -6.02
CA TRP A 233 12.33 6.94 -6.00
C TRP A 233 11.28 7.80 -5.31
N PRO A 234 11.68 8.84 -4.56
CA PRO A 234 10.73 9.56 -3.71
C PRO A 234 9.88 10.55 -4.47
N LEU A 235 8.73 10.09 -4.98
CA LEU A 235 7.81 10.96 -5.67
C LEU A 235 6.40 10.50 -5.40
N SER A 236 5.50 11.45 -5.20
CA SER A 236 4.10 11.17 -4.94
C SER A 236 3.27 12.26 -5.60
N CYS A 237 1.94 12.09 -5.58
CA CYS A 237 1.13 13.17 -6.15
C CYS A 237 -0.28 13.14 -5.59
N VAL A 238 -0.95 14.28 -5.72
CA VAL A 238 -2.40 14.41 -5.66
C VAL A 238 -2.88 14.63 -7.08
N ALA A 239 -3.79 13.80 -7.57
CA ALA A 239 -4.41 14.01 -8.87
C ALA A 239 -5.89 14.19 -8.65
N GLY A 240 -6.47 15.26 -9.19
CA GLY A 240 -7.87 15.47 -8.89
C GLY A 240 -8.46 16.63 -9.68
N ASP A 241 -9.72 16.89 -9.37
CA ASP A 241 -10.48 17.88 -10.12
C ASP A 241 -9.89 19.27 -9.88
N GLU A 242 -10.00 20.12 -10.91
CA GLU A 242 -9.35 21.42 -10.89
C GLU A 242 -9.71 22.24 -9.66
N ARG A 243 -10.98 22.18 -9.23
CA ARG A 243 -11.44 22.94 -8.08
C ARG A 243 -10.63 22.63 -6.83
N PHE A 244 -10.20 21.39 -6.68
CA PHE A 244 -9.44 20.98 -5.50
C PHE A 244 -7.95 21.14 -5.68
N LEU A 245 -7.47 21.14 -6.92
CA LEU A 245 -6.04 21.23 -7.16
C LEU A 245 -5.55 22.68 -7.22
N LYS A 246 -6.41 23.62 -7.60
CA LYS A 246 -6.01 25.03 -7.61
C LYS A 246 -5.50 25.52 -6.25
N PRO A 247 -6.11 25.16 -5.12
CA PRO A 247 -5.56 25.58 -3.82
C PRO A 247 -4.17 25.01 -3.50
N LEU A 248 -3.68 24.04 -4.27
CA LEU A 248 -2.35 23.50 -4.03
C LEU A 248 -1.27 24.18 -4.87
N ALA A 249 -1.58 25.32 -5.50
CA ALA A 249 -0.65 25.97 -6.41
C ALA A 249 0.68 26.30 -5.75
N GLU A 250 0.66 26.68 -4.48
CA GLU A 250 1.87 27.10 -3.77
C GLU A 250 2.43 26.01 -2.87
N PHE A 251 1.94 24.77 -2.99
CA PHE A 251 2.39 23.66 -2.15
C PHE A 251 3.65 23.06 -2.77
N VAL A 252 4.74 23.83 -2.71
CA VAL A 252 5.98 23.47 -3.39
CA VAL A 252 5.98 23.52 -3.40
C VAL A 252 7.14 23.53 -2.41
N SER A 253 8.07 22.59 -2.57
CA SER A 253 9.33 22.56 -1.85
C SER A 253 10.45 22.85 -2.84
N THR A 254 11.61 23.22 -2.29
CA THR A 254 12.77 23.50 -3.12
C THR A 254 13.06 22.38 -4.12
N LEU A 255 12.90 21.12 -3.70
CA LEU A 255 13.22 19.98 -4.54
C LEU A 255 11.98 19.19 -4.98
N THR A 256 10.81 19.82 -4.97
CA THR A 256 9.63 19.14 -5.53
C THR A 256 9.92 18.61 -6.92
N PHE A 257 10.66 19.38 -7.70
CA PHE A 257 10.92 19.07 -9.10
C PHE A 257 12.38 18.69 -9.38
N GLU A 258 13.06 18.09 -8.39
CA GLU A 258 14.35 17.48 -8.72
C GLU A 258 14.15 16.43 -9.82
N ALA A 259 15.08 16.40 -10.76
CA ALA A 259 14.88 15.68 -12.01
C ALA A 259 14.99 14.17 -11.91
N PRO A 260 15.95 13.60 -11.16
CA PRO A 260 16.07 12.13 -11.15
C PRO A 260 14.78 11.40 -10.81
N SER A 261 14.01 11.88 -9.84
CA SER A 261 12.78 11.17 -9.47
C SER A 261 11.73 11.28 -10.56
N PHE A 262 11.66 12.41 -11.26
CA PHE A 262 10.73 12.52 -12.38
C PHE A 262 11.12 11.58 -13.52
N ALA A 263 12.42 11.48 -13.80
CA ALA A 263 12.86 10.54 -14.83
C ALA A 263 12.50 9.12 -14.47
N ALA A 264 12.72 8.75 -13.20
CA ALA A 264 12.37 7.41 -12.72
C ALA A 264 10.89 7.15 -12.84
N ALA A 265 10.06 8.11 -12.45
CA ALA A 265 8.62 7.89 -12.44
C ALA A 265 8.06 7.78 -13.85
N SER A 266 8.49 8.65 -14.75
CA SER A 266 7.96 8.60 -16.12
C SER A 266 8.36 7.28 -16.79
N ALA A 267 9.61 6.84 -16.57
CA ALA A 267 10.06 5.55 -17.08
C ALA A 267 9.31 4.40 -16.43
N THR A 268 9.03 4.51 -15.13
CA THR A 268 8.31 3.43 -14.45
C THR A 268 6.93 3.24 -15.05
N LEU A 269 6.18 4.35 -15.22
CA LEU A 269 4.82 4.19 -15.77
C LEU A 269 4.88 3.59 -17.18
N ASP A 270 5.85 4.00 -18.00
CA ASP A 270 5.96 3.44 -19.33
C ASP A 270 6.27 1.95 -19.26
N ARG A 271 7.19 1.56 -18.36
CA ARG A 271 7.58 0.16 -18.25
C ARG A 271 6.45 -0.71 -17.71
N LEU A 272 5.67 -0.19 -16.75
CA LEU A 272 4.52 -0.93 -16.25
C LEU A 272 3.55 -1.26 -17.38
N ALA A 273 3.32 -0.30 -18.27
CA ALA A 273 2.47 -0.53 -19.43
C ALA A 273 3.12 -1.50 -20.41
N GLU A 274 4.39 -1.28 -20.71
CA GLU A 274 5.07 -2.08 -21.74
C GLU A 274 5.15 -3.55 -21.35
N LEU A 275 5.37 -3.84 -20.07
CA LEU A 275 5.52 -5.20 -19.58
C LEU A 275 4.22 -5.78 -19.05
N ASP A 276 3.11 -5.07 -19.24
CA ASP A 276 1.76 -5.53 -18.88
C ASP A 276 1.77 -6.00 -17.41
N VAL A 277 2.34 -5.16 -16.54
CA VAL A 277 2.82 -5.67 -15.26
C VAL A 277 1.66 -6.10 -14.36
N GLN A 278 0.63 -5.28 -14.23
CA GLN A 278 -0.41 -5.60 -13.26
C GLN A 278 -1.22 -6.82 -13.70
N ALA A 279 -1.50 -6.95 -14.99
CA ALA A 279 -2.21 -8.13 -15.48
C ALA A 279 -1.37 -9.38 -15.32
N GLN A 280 -0.07 -9.27 -15.58
CA GLN A 280 0.78 -10.46 -15.45
C GLN A 280 0.95 -10.84 -13.98
N LEU A 281 1.02 -9.85 -13.08
CA LEU A 281 1.08 -10.15 -11.66
C LEU A 281 -0.20 -10.81 -11.18
N ALA A 282 -1.36 -10.39 -11.71
CA ALA A 282 -2.60 -11.07 -11.35
C ALA A 282 -2.49 -12.57 -11.63
N ILE A 283 -1.84 -12.93 -12.73
CA ILE A 283 -1.70 -14.34 -13.10
C ILE A 283 -0.65 -15.04 -12.24
N ASP A 284 0.54 -14.46 -12.17
CA ASP A 284 1.65 -15.11 -11.47
C ASP A 284 1.40 -15.15 -9.96
N GLY A 285 0.88 -14.07 -9.38
CA GLY A 285 0.53 -14.09 -7.97
C GLY A 285 -0.56 -15.09 -7.66
N ALA A 286 -1.54 -15.22 -8.55
CA ALA A 286 -2.59 -16.23 -8.34
C ALA A 286 -1.99 -17.62 -8.30
N ARG A 287 -1.04 -17.91 -9.20
CA ARG A 287 -0.40 -19.22 -9.18
C ARG A 287 0.38 -19.43 -7.90
N PHE A 288 1.15 -18.42 -7.47
CA PHE A 288 1.88 -18.54 -6.22
C PHE A 288 0.96 -18.83 -5.05
N VAL A 289 -0.14 -18.06 -4.93
CA VAL A 289 -1.02 -18.18 -3.77
C VAL A 289 -1.73 -19.53 -3.77
N SER A 290 -2.15 -20.01 -4.95
CA SER A 290 -2.86 -21.28 -5.00
C SER A 290 -1.92 -22.41 -4.61
N GLU A 291 -0.70 -22.40 -5.14
CA GLU A 291 0.25 -23.45 -4.82
C GLU A 291 0.72 -23.35 -3.38
N ALA A 292 0.90 -22.12 -2.86
CA ALA A 292 1.24 -21.97 -1.46
C ALA A 292 0.16 -22.56 -0.55
N ALA A 293 -1.11 -22.32 -0.89
CA ALA A 293 -2.20 -22.88 -0.10
C ALA A 293 -2.17 -24.39 -0.13
N LYS A 294 -1.85 -24.97 -1.29
CA LYS A 294 -1.78 -26.42 -1.39
C LYS A 294 -0.67 -26.99 -0.53
N MET A 295 0.51 -26.36 -0.55
CA MET A 295 1.64 -26.82 0.23
C MET A 295 1.35 -26.71 1.73
N ILE A 296 0.72 -25.62 2.15
CA ILE A 296 0.35 -25.48 3.55
C ILE A 296 -0.60 -26.61 3.95
N SER A 297 -1.55 -26.92 3.06
CA SER A 297 -2.52 -27.96 3.37
C SER A 297 -1.87 -29.31 3.56
N THR A 298 -0.95 -29.69 2.67
CA THR A 298 -0.34 -31.01 2.78
C THR A 298 0.52 -31.15 4.02
N ARG A 299 1.02 -30.04 4.54
CA ARG A 299 1.82 -30.08 5.76
C ARG A 299 1.01 -29.82 7.02
N ASP A 300 -0.28 -29.54 6.88
CA ASP A 300 -1.18 -29.37 8.01
C ASP A 300 -0.71 -28.25 8.93
N LEU A 301 -0.32 -27.13 8.34
CA LEU A 301 0.14 -26.04 9.18
C LEU A 301 -0.96 -24.98 9.29
N PRO A 302 -1.00 -24.24 10.42
CA PRO A 302 -2.10 -23.28 10.71
C PRO A 302 -1.89 -21.92 10.03
N ILE A 303 -1.95 -21.94 8.70
CA ILE A 303 -1.81 -20.76 7.87
C ILE A 303 -2.86 -20.83 6.78
N GLU A 304 -3.44 -19.69 6.44
CA GLU A 304 -4.37 -19.58 5.32
C GLU A 304 -3.90 -18.48 4.39
N MET A 305 -4.01 -18.72 3.08
CA MET A 305 -3.74 -17.65 2.13
C MET A 305 -4.97 -16.79 1.90
N ALA A 306 -4.79 -15.49 1.90
CA ALA A 306 -5.84 -14.55 1.54
C ALA A 306 -5.35 -13.64 0.42
N GLY A 307 -6.28 -13.21 -0.43
CA GLY A 307 -5.93 -12.39 -1.57
C GLY A 307 -5.35 -13.20 -2.71
N THR A 308 -4.74 -12.50 -3.66
CA THR A 308 -4.28 -13.12 -4.89
C THR A 308 -3.45 -12.08 -5.65
N GLY A 309 -2.81 -12.53 -6.72
CA GLY A 309 -2.17 -11.59 -7.65
C GLY A 309 -1.09 -10.76 -6.98
N ALA A 310 -1.22 -9.44 -7.09
CA ALA A 310 -0.23 -8.51 -6.57
C ALA A 310 -0.42 -8.20 -5.09
N ALA A 311 -1.44 -8.76 -4.44
CA ALA A 311 -1.70 -8.39 -3.04
C ALA A 311 -2.30 -9.61 -2.34
N PHE A 312 -1.46 -10.34 -1.61
CA PHE A 312 -1.90 -11.52 -0.88
C PHE A 312 -1.22 -11.55 0.48
N GLN A 313 -1.74 -12.37 1.38
CA GLN A 313 -1.28 -12.38 2.76
C GLN A 313 -1.29 -13.80 3.31
N PHE A 314 -0.26 -14.12 4.10
CA PHE A 314 -0.22 -15.35 4.89
C PHE A 314 -0.96 -15.06 6.19
N VAL A 315 -2.17 -15.56 6.32
CA VAL A 315 -3.02 -15.30 7.49
C VAL A 315 -2.73 -16.36 8.54
N CYS A 316 -2.28 -15.93 9.72
CA CYS A 316 -2.00 -16.87 10.80
C CYS A 316 -1.90 -16.07 12.09
N ALA A 317 -1.90 -16.80 13.20
CA ALA A 317 -1.68 -16.19 14.51
C ALA A 317 -0.29 -15.56 14.55
N GLU A 318 -0.16 -14.50 15.36
CA GLU A 318 1.15 -13.87 15.53
C GLU A 318 2.20 -14.89 15.94
N GLU A 319 1.84 -15.81 16.84
CA GLU A 319 2.78 -16.84 17.29
C GLU A 319 3.25 -17.73 16.15
N VAL A 320 2.38 -18.00 15.18
CA VAL A 320 2.78 -18.80 14.02
C VAL A 320 3.59 -17.98 13.02
N GLU A 321 3.19 -16.73 12.82
CA GLU A 321 3.93 -15.88 11.88
C GLU A 321 5.37 -15.70 12.33
N GLU A 322 5.59 -15.61 13.65
CA GLU A 322 6.94 -15.45 14.20
C GLU A 322 7.81 -16.67 13.95
N VAL A 323 7.23 -17.81 13.63
CA VAL A 323 8.01 -18.96 13.18
C VAL A 323 8.16 -18.97 11.67
N LEU A 324 7.06 -18.72 10.95
CA LEU A 324 7.08 -18.74 9.50
C LEU A 324 8.14 -17.79 8.94
N LEU A 325 8.18 -16.56 9.44
CA LEU A 325 9.05 -15.55 8.82
C LEU A 325 10.52 -15.91 8.93
N PRO A 326 11.07 -16.26 10.10
CA PRO A 326 12.48 -16.71 10.15
C PRO A 326 12.75 -17.96 9.33
N HIS A 327 11.80 -18.90 9.30
CA HIS A 327 12.02 -20.11 8.53
C HIS A 327 12.06 -19.81 7.03
N ALA A 328 11.22 -18.88 6.57
CA ALA A 328 11.29 -18.45 5.17
C ALA A 328 12.60 -17.73 4.88
N LEU A 329 13.04 -16.85 5.79
CA LEU A 329 14.29 -16.15 5.61
C LEU A 329 15.46 -17.13 5.49
N ALA A 330 15.46 -18.18 6.32
CA ALA A 330 16.54 -19.16 6.26
C ALA A 330 16.59 -19.88 4.92
N GLU A 331 15.46 -19.94 4.21
CA GLU A 331 15.41 -20.54 2.88
C GLU A 331 15.54 -19.51 1.77
N GLY A 332 15.91 -18.27 2.11
CA GLY A 332 16.10 -17.26 1.10
C GLY A 332 14.84 -16.63 0.56
N LEU A 333 13.81 -16.45 1.40
CA LEU A 333 12.55 -15.81 1.02
C LEU A 333 12.22 -14.75 2.06
N ILE A 334 12.21 -13.48 1.63
CA ILE A 334 11.90 -12.34 2.50
C ILE A 334 10.41 -12.03 2.45
N LEU A 335 9.74 -12.13 3.59
CA LEU A 335 8.33 -11.80 3.73
C LEU A 335 8.17 -10.62 4.70
N GLU A 336 7.13 -9.80 4.45
CA GLU A 336 6.87 -8.74 5.42
C GLU A 336 5.89 -9.25 6.48
N PRO A 337 6.10 -8.94 7.76
CA PRO A 337 5.15 -9.38 8.79
C PRO A 337 3.92 -8.49 8.84
N SER A 338 2.81 -9.11 9.26
CA SER A 338 1.58 -8.38 9.62
C SER A 338 1.11 -7.48 8.48
N ASP A 339 1.23 -7.99 7.26
CA ASP A 339 0.94 -7.20 6.07
C ASP A 339 0.77 -8.17 4.91
N GLN A 340 0.31 -7.62 3.79
CA GLN A 340 0.42 -8.33 2.53
C GLN A 340 1.88 -8.46 2.12
N GLN A 341 2.12 -9.32 1.14
CA GLN A 341 3.38 -9.33 0.40
C GLN A 341 3.24 -8.43 -0.83
N TYR A 342 4.39 -8.02 -1.37
CA TYR A 342 4.44 -7.02 -2.45
C TYR A 342 5.28 -7.52 -3.62
N PRO A 343 4.83 -8.54 -4.35
CA PRO A 343 5.59 -8.98 -5.52
C PRO A 343 5.71 -7.86 -6.55
N SER A 344 6.83 -7.87 -7.28
CA SER A 344 7.10 -6.92 -8.36
C SER A 344 6.95 -7.60 -9.71
N ALA A 345 7.16 -6.81 -10.78
CA ALA A 345 7.11 -7.36 -12.13
C ALA A 345 8.08 -8.51 -12.34
N CYS A 346 9.17 -8.57 -11.56
CA CYS A 346 10.11 -9.67 -11.71
C CYS A 346 9.61 -10.98 -11.11
N PHE A 347 8.49 -10.96 -10.37
CA PHE A 347 7.88 -12.15 -9.81
C PHE A 347 7.06 -12.82 -10.92
N ARG A 348 7.79 -13.44 -11.85
CA ARG A 348 7.20 -14.07 -13.01
C ARG A 348 8.10 -15.21 -13.46
N GLY A 349 7.56 -16.08 -14.31
CA GLY A 349 8.34 -17.18 -14.83
C GLY A 349 8.95 -18.04 -13.73
N GLU A 350 10.23 -18.37 -13.91
CA GLU A 350 10.92 -19.27 -12.99
C GLU A 350 11.09 -18.69 -11.59
N VAL A 351 10.98 -17.36 -11.43
CA VAL A 351 11.07 -16.78 -10.09
C VAL A 351 9.94 -17.28 -9.21
N VAL A 352 8.74 -17.43 -9.78
CA VAL A 352 7.61 -17.94 -9.00
C VAL A 352 7.89 -19.36 -8.53
N ASP A 353 8.42 -20.20 -9.42
CA ASP A 353 8.76 -21.57 -9.05
C ASP A 353 9.84 -21.61 -7.98
N ASP A 354 10.84 -20.73 -8.13
CA ASP A 354 11.90 -20.63 -7.14
C ASP A 354 11.33 -20.26 -5.77
N ALA A 355 10.44 -19.26 -5.74
CA ALA A 355 9.81 -18.85 -4.49
C ALA A 355 9.01 -19.98 -3.87
N LEU A 356 8.27 -20.73 -4.70
CA LEU A 356 7.49 -21.86 -4.19
C LEU A 356 8.40 -22.95 -3.61
N GLU A 357 9.53 -23.22 -4.26
CA GLU A 357 10.46 -24.22 -3.74
C GLU A 357 11.02 -23.77 -2.39
N ARG A 358 11.36 -22.49 -2.26
CA ARG A 358 11.87 -21.98 -0.99
C ARG A 358 10.80 -22.03 0.10
N LEU A 359 9.56 -21.65 -0.24
CA LEU A 359 8.47 -21.76 0.72
C LEU A 359 8.25 -23.21 1.14
N ASP A 360 8.28 -24.14 0.18
CA ASP A 360 8.12 -25.55 0.50
C ASP A 360 9.13 -26.01 1.54
N ARG A 361 10.40 -25.62 1.34
CA ARG A 361 11.44 -25.99 2.30
C ARG A 361 11.20 -25.34 3.65
N ALA A 362 10.74 -24.08 3.66
CA ALA A 362 10.49 -23.40 4.93
C ALA A 362 9.34 -24.05 5.68
N LEU A 363 8.31 -24.50 4.97
CA LEU A 363 7.20 -25.17 5.63
C LEU A 363 7.64 -26.51 6.20
N THR A 364 8.54 -27.21 5.51
CA THR A 364 9.07 -28.47 6.00
C THR A 364 9.87 -28.27 7.28
N THR A 365 10.80 -27.31 7.28
CA THR A 365 11.58 -27.08 8.49
C THR A 365 10.72 -26.54 9.63
N MET A 366 9.71 -25.73 9.28
CA MET A 366 8.78 -25.23 10.30
C MET A 366 8.06 -26.38 10.99
N ALA A 367 7.52 -27.33 10.21
CA ALA A 367 6.80 -28.46 10.80
C ALA A 367 7.73 -29.34 11.61
N ALA A 368 8.99 -29.46 11.20
CA ALA A 368 9.94 -30.30 11.94
C ALA A 368 10.44 -29.62 13.20
N ALA A 369 10.60 -28.29 13.16
CA ALA A 369 11.09 -27.54 14.31
C ALA A 369 10.00 -27.32 15.34
N ARG A 370 8.75 -27.16 14.89
CA ARG A 370 7.62 -26.84 15.77
C ARG A 370 6.49 -27.82 15.49
N PRO A 371 6.68 -29.10 15.84
CA PRO A 371 5.62 -30.09 15.59
C PRO A 371 4.33 -29.79 16.33
N ASP A 372 4.37 -28.98 17.39
CA ASP A 372 3.16 -28.63 18.12
C ASP A 372 2.22 -27.77 17.30
N LEU A 373 2.72 -27.14 16.23
CA LEU A 373 1.88 -26.31 15.37
C LEU A 373 1.13 -27.13 14.34
N VAL A 374 1.60 -28.33 14.02
CA VAL A 374 0.94 -29.17 13.02
C VAL A 374 -0.44 -29.56 13.52
N GLY A 375 -1.46 -29.31 12.68
CA GLY A 375 -2.82 -29.63 13.04
C GLY A 375 -3.56 -28.55 13.80
N ARG A 376 -2.88 -27.47 14.15
CA ARG A 376 -3.52 -26.36 14.84
C ARG A 376 -4.54 -25.68 13.93
N GLU A 377 -5.60 -25.16 14.54
CA GLU A 377 -6.68 -24.51 13.81
C GLU A 377 -6.41 -23.01 13.72
N VAL A 378 -6.77 -22.43 12.58
CA VAL A 378 -6.82 -20.98 12.42
C VAL A 378 -8.18 -20.50 12.93
N THR A 379 -8.19 -19.56 13.87
CA THR A 379 -9.42 -19.12 14.49
C THR A 379 -9.95 -17.86 13.82
N GLN A 380 -11.23 -17.55 14.10
CA GLN A 380 -11.79 -16.28 13.64
C GLN A 380 -10.94 -15.11 14.10
N LEU A 381 -10.48 -15.15 15.35
CA LEU A 381 -9.70 -14.04 15.88
C LEU A 381 -8.36 -13.92 15.15
N ASP A 382 -7.78 -15.05 14.75
CA ASP A 382 -6.58 -15.00 13.92
C ASP A 382 -6.86 -14.26 12.63
N ARG A 383 -8.00 -14.56 11.99
CA ARG A 383 -8.33 -13.92 10.72
C ARG A 383 -8.59 -12.44 10.92
N VAL A 384 -9.31 -12.07 11.97
CA VAL A 384 -9.62 -10.67 12.21
C VAL A 384 -8.34 -9.89 12.50
N ASN A 385 -7.48 -10.44 13.38
CA ASN A 385 -6.22 -9.78 13.70
C ASN A 385 -5.38 -9.58 12.44
N ALA A 386 -5.31 -10.61 11.59
CA ALA A 386 -4.53 -10.49 10.35
C ALA A 386 -5.08 -9.40 9.45
N ALA A 387 -6.41 -9.33 9.33
CA ALA A 387 -7.03 -8.30 8.52
C ALA A 387 -6.75 -6.91 9.11
N PHE A 388 -6.86 -6.78 10.43
CA PHE A 388 -6.67 -5.47 11.04
C PHE A 388 -5.25 -4.96 10.83
N CYS A 389 -4.24 -5.82 10.93
CA CYS A 389 -2.88 -5.37 10.60
C CYS A 389 -2.73 -4.98 9.15
N GLN A 390 -3.32 -5.75 8.24
CA GLN A 390 -3.06 -5.53 6.82
C GLN A 390 -3.78 -4.29 6.30
N MET A 391 -5.03 -4.12 6.67
CA MET A 391 -5.86 -3.06 6.10
C MET A 391 -6.17 -1.94 7.10
N ASP A 392 -5.69 -2.06 8.34
CA ASP A 392 -5.84 -0.99 9.33
C ASP A 392 -7.30 -0.66 9.60
N GLY A 393 -8.12 -1.71 9.55
CA GLY A 393 -9.55 -1.59 9.75
C GLY A 393 -10.13 -2.97 9.85
N LEU A 394 -11.44 -3.00 10.08
CA LEU A 394 -12.11 -4.30 10.18
C LEU A 394 -12.68 -4.70 8.83
N PRO A 395 -12.59 -5.99 8.46
CA PRO A 395 -13.09 -6.45 7.15
C PRO A 395 -14.60 -6.70 7.17
N GLY A 396 -15.36 -5.65 7.44
CA GLY A 396 -16.74 -5.80 7.83
C GLY A 396 -16.84 -6.25 9.27
N ARG A 397 -18.04 -6.19 9.80
CA ARG A 397 -18.26 -6.64 11.17
C ARG A 397 -18.13 -8.15 11.18
N PRO A 398 -17.22 -8.73 11.96
CA PRO A 398 -17.06 -10.19 11.95
C PRO A 398 -18.34 -10.90 12.40
N ASP A 399 -18.53 -12.12 11.88
CA ASP A 399 -19.74 -12.87 12.18
C ASP A 399 -19.87 -13.09 13.68
N GLY A 400 -21.06 -12.78 14.20
CA GLY A 400 -21.33 -12.92 15.62
C GLY A 400 -20.93 -11.75 16.47
N TRP A 401 -20.23 -10.76 15.91
CA TRP A 401 -19.81 -9.59 16.67
C TRP A 401 -20.84 -8.47 16.56
N SER A 402 -21.14 -7.86 17.68
CA SER A 402 -21.93 -6.63 17.68
C SER A 402 -21.05 -5.45 17.26
N LEU A 403 -21.70 -4.33 16.94
CA LEU A 403 -20.92 -3.13 16.64
C LEU A 403 -20.13 -2.69 17.86
N ASP A 404 -20.71 -2.82 19.05
CA ASP A 404 -19.98 -2.51 20.28
C ASP A 404 -18.72 -3.36 20.40
N GLN A 405 -18.83 -4.65 20.12
CA GLN A 405 -17.64 -5.51 20.18
C GLN A 405 -16.59 -5.09 19.17
N CYS A 406 -17.03 -4.64 17.99
CA CYS A 406 -16.07 -4.12 17.01
C CYS A 406 -15.36 -2.89 17.53
N VAL A 407 -16.10 -1.97 18.14
CA VAL A 407 -15.49 -0.74 18.68
C VAL A 407 -14.53 -1.08 19.80
N GLU A 408 -14.91 -2.01 20.69
CA GLU A 408 -13.99 -2.41 21.76
C GLU A 408 -12.74 -3.07 21.21
N TYR A 409 -12.89 -3.94 20.20
CA TYR A 409 -11.73 -4.58 19.59
C TYR A 409 -10.76 -3.55 19.03
N VAL A 410 -11.26 -2.63 18.21
CA VAL A 410 -10.39 -1.63 17.59
C VAL A 410 -9.72 -0.78 18.65
N THR A 411 -10.48 -0.35 19.65
CA THR A 411 -9.92 0.46 20.72
C THR A 411 -8.77 -0.26 21.41
N ALA A 412 -8.91 -1.58 21.61
CA ALA A 412 -7.89 -2.37 22.28
C ALA A 412 -6.63 -2.53 21.44
N GLN A 413 -6.72 -2.32 20.12
CA GLN A 413 -5.54 -2.44 19.26
C GLN A 413 -4.67 -1.20 19.28
N LEU A 414 -5.19 -0.06 19.69
CA LEU A 414 -4.44 1.19 19.64
C LEU A 414 -3.46 1.32 20.80
#